data_6FF3
#
_entry.id   6FF3
#
_cell.length_a   82.030
_cell.length_b   94.150
_cell.length_c   48.360
_cell.angle_alpha   90.00
_cell.angle_beta   95.26
_cell.angle_gamma   90.00
#
_symmetry.space_group_name_H-M   'C 1 2 1'
#
loop_
_entity.id
_entity.type
_entity.pdbx_description
1 polymer 'Neural/ectodermal development factor IMP-L2'
2 polymer 'Insulin-like growth factor I'
3 water water
#
loop_
_entity_poly.entity_id
_entity_poly.type
_entity_poly.pdbx_seq_one_letter_code
_entity_poly.pdbx_strand_id
1 'polypeptide(L)'
;RAVDLVDDSNDVDNSIEAEEEKPRNRAFEADWLKFTKTPPTKLQQADGATIEIVCEMMGSQVPSIQWVVGHLPRSELDDL
DSNQVAEEAPSAIVRVRSSHIIDHVLSEARTYTCVGRTGSKTIYASTVVHPPRSSRLTPEKTYPGAQKPRIIYTEKTHLD
LMGSNIQLPCRVHARPRAEITWLNNENKEIVQGHRHRVLANGDLLISEIKWEDMGNYKCIARNVVGKDTADTFVYPVLNE
ED
;
A
2 'polypeptide(L)' GPETLCGAELVDALQFVCGDRGFYFNKPTGYGSSSRRAPQTGIVDECCFRSCDLRRLEMYCAPLKPAKSA B
#
# COMPACT_ATOMS: atom_id res chain seq x y z
N ALA A 30 -12.80 -14.86 4.93
CA ALA A 30 -12.33 -14.91 3.53
C ALA A 30 -13.43 -15.51 2.68
N ASP A 31 -13.40 -15.29 1.37
CA ASP A 31 -12.32 -14.60 0.68
C ASP A 31 -12.92 -13.44 -0.04
N TRP A 32 -12.25 -12.30 0.00
CA TRP A 32 -12.74 -11.17 -0.77
C TRP A 32 -11.60 -10.22 -1.09
N LEU A 33 -11.80 -9.44 -2.15
CA LEU A 33 -10.78 -8.55 -2.65
C LEU A 33 -11.45 -7.51 -3.51
N LYS A 34 -11.19 -6.24 -3.26
CA LYS A 34 -11.72 -5.20 -4.11
C LYS A 34 -10.81 -4.00 -4.19
N PHE A 35 -10.99 -3.20 -5.24
CA PHE A 35 -10.25 -1.97 -5.42
C PHE A 35 -10.89 -0.92 -4.58
N THR A 36 -10.09 -0.01 -4.06
CA THR A 36 -10.57 1.17 -3.36
C THR A 36 -10.13 2.48 -4.09
N LYS A 37 -9.01 2.41 -4.79
CA LYS A 37 -8.51 3.48 -5.64
C LYS A 37 -8.12 2.74 -6.88
N THR A 38 -8.96 2.82 -7.91
CA THR A 38 -8.67 2.18 -9.18
C THR A 38 -8.11 3.28 -10.12
N PRO A 39 -7.09 2.94 -10.90
CA PRO A 39 -6.47 3.90 -11.75
C PRO A 39 -7.37 4.32 -12.86
N PRO A 40 -7.10 5.49 -13.44
CA PRO A 40 -7.84 5.90 -14.62
C PRO A 40 -7.39 5.08 -15.77
N THR A 41 -8.27 4.90 -16.76
CA THR A 41 -8.03 3.94 -17.82
C THR A 41 -7.07 4.45 -18.87
N LYS A 42 -6.95 5.76 -18.99
CA LYS A 42 -6.13 6.35 -20.01
C LYS A 42 -5.49 7.59 -19.44
N LEU A 43 -4.26 7.85 -19.84
CA LEU A 43 -3.58 9.03 -19.40
C LEU A 43 -2.81 9.61 -20.54
N GLN A 44 -2.56 10.90 -20.45
CA GLN A 44 -1.86 11.60 -21.49
C GLN A 44 -0.59 12.09 -20.85
N GLN A 45 0.52 11.60 -21.37
CA GLN A 45 1.80 12.02 -20.88
C GLN A 45 2.14 13.41 -21.39
N ALA A 46 2.74 14.20 -20.52
CA ALA A 46 3.27 15.49 -20.87
C ALA A 46 4.71 15.24 -21.19
N ASP A 47 5.40 16.24 -21.72
CA ASP A 47 6.80 16.05 -22.10
C ASP A 47 7.72 16.20 -20.88
N GLY A 48 8.38 15.12 -20.53
CA GLY A 48 9.35 15.16 -19.45
C GLY A 48 8.82 14.98 -18.05
N ALA A 49 7.54 14.70 -17.89
CA ALA A 49 6.98 14.68 -16.54
C ALA A 49 6.62 13.27 -16.03
N THR A 50 7.12 12.94 -14.85
CA THR A 50 6.94 11.65 -14.25
C THR A 50 5.50 11.38 -13.83
N ILE A 51 4.98 10.28 -14.35
CA ILE A 51 3.65 9.80 -14.03
C ILE A 51 3.81 8.81 -12.87
N GLU A 52 2.82 8.78 -12.00
CA GLU A 52 2.76 7.80 -10.92
C GLU A 52 1.37 7.22 -10.93
N ILE A 53 1.22 6.00 -11.41
CA ILE A 53 -0.09 5.35 -11.47
C ILE A 53 -0.37 4.67 -10.16
N VAL A 54 -1.43 5.05 -9.51
CA VAL A 54 -1.72 4.51 -8.17
C VAL A 54 -2.86 3.57 -8.20
N CYS A 55 -2.68 2.39 -7.65
CA CYS A 55 -3.79 1.49 -7.54
C CYS A 55 -3.80 1.01 -6.11
N GLU A 56 -5.00 0.92 -5.54
CA GLU A 56 -5.13 0.61 -4.13
C GLU A 56 -6.28 -0.36 -3.92
N MET A 57 -6.14 -1.25 -2.96
CA MET A 57 -7.16 -2.26 -2.81
C MET A 57 -7.22 -2.81 -1.42
N MET A 58 -8.37 -3.43 -1.13
CA MET A 58 -8.68 -3.92 0.20
C MET A 58 -9.14 -5.34 0.05
N GLY A 59 -8.82 -6.16 1.03
CA GLY A 59 -9.24 -7.55 0.98
C GLY A 59 -8.86 -8.38 2.19
N SER A 60 -9.31 -9.62 2.20
CA SER A 60 -9.04 -10.52 3.31
C SER A 60 -7.57 -10.83 3.39
N GLN A 61 -7.12 -11.25 4.55
CA GLN A 61 -5.75 -11.57 4.77
C GLN A 61 -4.88 -10.47 4.22
N VAL A 62 -3.84 -10.81 3.45
CA VAL A 62 -2.95 -9.80 2.96
C VAL A 62 -2.81 -9.85 1.46
N PRO A 63 -3.54 -8.99 0.77
CA PRO A 63 -3.41 -8.86 -0.65
C PRO A 63 -2.02 -8.50 -1.11
N SER A 64 -1.75 -8.94 -2.33
CA SER A 64 -0.45 -8.72 -2.94
C SER A 64 -0.72 -8.11 -4.30
N ILE A 65 -0.01 -7.04 -4.57
CA ILE A 65 -0.12 -6.32 -5.85
C ILE A 65 1.18 -6.42 -6.59
N GLN A 66 1.07 -6.52 -7.89
CA GLN A 66 2.27 -6.51 -8.71
C GLN A 66 1.83 -5.84 -9.98
N TRP A 67 2.74 -5.30 -10.77
CA TRP A 67 2.37 -4.64 -12.02
C TRP A 67 2.89 -5.43 -13.18
N VAL A 68 2.22 -5.31 -14.33
CA VAL A 68 2.74 -5.86 -15.57
C VAL A 68 2.59 -4.81 -16.69
N VAL A 69 3.54 -4.84 -17.61
CA VAL A 69 3.54 -3.92 -18.74
C VAL A 69 3.04 -4.62 -20.03
N GLY A 70 2.41 -3.89 -20.94
CA GLY A 70 1.92 -4.49 -22.17
C GLY A 70 0.70 -5.34 -21.92
N HIS A 71 0.28 -6.09 -22.92
CA HIS A 71 -0.87 -6.97 -22.80
C HIS A 71 -0.34 -8.31 -22.37
N LEU A 72 -0.87 -8.82 -21.27
CA LEU A 72 -0.47 -10.12 -20.76
C LEU A 72 -1.61 -11.05 -21.11
N PRO A 73 -1.31 -12.20 -21.77
CA PRO A 73 -2.46 -13.10 -21.91
C PRO A 73 -2.90 -13.53 -20.51
N ARG A 74 -4.19 -13.61 -20.34
CA ARG A 74 -4.81 -13.81 -19.06
C ARG A 74 -4.38 -15.10 -18.42
N SER A 75 -3.95 -16.05 -19.24
CA SER A 75 -3.52 -17.35 -18.75
C SER A 75 -2.27 -17.22 -17.91
N GLU A 76 -1.61 -16.07 -18.00
CA GLU A 76 -0.22 -16.00 -17.62
C GLU A 76 0.08 -15.73 -16.18
N LEU A 77 -0.90 -15.86 -15.31
CA LEU A 77 -0.65 -15.65 -13.89
C LEU A 77 -1.15 -16.82 -12.99
N ASP A 78 -0.32 -17.68 -12.35
CA ASP A 78 1.01 -18.15 -12.83
C ASP A 78 2.26 -17.22 -12.69
N ASP A 79 2.01 -15.98 -12.31
CA ASP A 79 3.06 -15.02 -12.07
C ASP A 79 3.11 -14.74 -10.61
N LEU A 80 2.22 -15.39 -9.87
CA LEU A 80 2.14 -15.29 -8.43
C LEU A 80 3.50 -15.62 -7.85
N ASP A 81 3.79 -15.14 -6.67
CA ASP A 81 5.14 -15.24 -6.18
C ASP A 81 5.35 -16.09 -4.95
N SER A 82 4.35 -16.23 -4.10
CA SER A 82 4.40 -17.27 -3.09
C SER A 82 2.98 -17.72 -2.89
N ASN A 83 2.79 -19.02 -2.78
CA ASN A 83 1.50 -19.55 -2.42
C ASN A 83 1.72 -20.38 -1.16
N GLN A 84 2.01 -19.68 -0.09
CA GLN A 84 2.25 -20.27 1.20
C GLN A 84 0.95 -20.05 2.01
N VAL A 85 0.62 -21.01 2.86
CA VAL A 85 -0.53 -20.87 3.74
C VAL A 85 -0.27 -19.68 4.65
N ALA A 89 -1.86 -18.12 7.07
CA ALA A 89 -1.26 -17.32 8.15
C ALA A 89 -2.27 -16.52 9.02
N PRO A 90 -3.21 -15.81 8.41
CA PRO A 90 -4.12 -15.00 9.23
C PRO A 90 -5.59 -14.76 8.81
N SER A 91 -6.32 -14.09 9.71
CA SER A 91 -7.65 -13.58 9.44
C SER A 91 -7.59 -12.06 9.39
N ALA A 92 -6.46 -11.53 8.92
CA ALA A 92 -6.28 -10.08 8.84
C ALA A 92 -7.05 -9.49 7.69
N ILE A 93 -7.23 -8.17 7.72
CA ILE A 93 -7.79 -7.42 6.60
C ILE A 93 -6.88 -6.25 6.26
N VAL A 94 -6.44 -6.18 5.00
CA VAL A 94 -5.45 -5.20 4.63
C VAL A 94 -5.91 -4.35 3.49
N ARG A 95 -5.46 -3.10 3.50
CA ARG A 95 -5.72 -2.16 2.42
C ARG A 95 -4.34 -1.74 1.99
N VAL A 96 -3.95 -2.06 0.76
CA VAL A 96 -2.55 -1.86 0.38
C VAL A 96 -2.50 -1.06 -0.89
N ARG A 97 -1.57 -0.12 -0.98
CA ARG A 97 -1.49 0.82 -2.10
C ARG A 97 -0.15 0.67 -2.80
N SER A 98 -0.13 0.43 -4.11
CA SER A 98 1.10 0.32 -4.87
C SER A 98 1.08 1.29 -6.01
N SER A 99 2.24 1.85 -6.35
CA SER A 99 2.28 2.81 -7.47
C SER A 99 3.32 2.41 -8.48
N HIS A 100 3.08 2.73 -9.75
CA HIS A 100 4.08 2.57 -10.79
C HIS A 100 4.53 3.91 -11.31
N ILE A 101 5.82 4.17 -11.19
CA ILE A 101 6.41 5.40 -11.68
C ILE A 101 6.92 5.18 -13.06
N ILE A 102 6.50 6.03 -13.97
CA ILE A 102 7.06 6.08 -15.28
C ILE A 102 7.87 7.34 -15.30
N ASP A 103 9.17 7.19 -15.48
CA ASP A 103 10.01 8.38 -15.57
C ASP A 103 10.93 8.29 -16.78
N HIS A 104 10.31 8.26 -17.94
CA HIS A 104 11.01 8.38 -19.21
C HIS A 104 9.89 8.59 -20.19
N VAL A 105 10.17 9.18 -21.34
CA VAL A 105 9.12 9.56 -22.26
C VAL A 105 8.84 8.38 -23.15
N LEU A 106 7.57 8.03 -23.28
CA LEU A 106 7.18 6.88 -24.07
C LEU A 106 7.30 7.29 -25.50
N SER A 107 7.73 6.38 -26.35
CA SER A 107 7.72 6.65 -27.78
C SER A 107 6.45 6.08 -28.39
N GLU A 108 5.62 5.41 -27.59
CA GLU A 108 4.41 4.81 -28.12
C GLU A 108 3.51 4.38 -26.98
N ALA A 109 2.20 4.41 -27.22
CA ALA A 109 1.23 4.12 -26.17
C ALA A 109 1.57 2.80 -25.50
N ARG A 110 1.43 2.76 -24.18
CA ARG A 110 1.68 1.53 -23.44
C ARG A 110 0.69 1.38 -22.32
N THR A 111 0.48 0.15 -21.91
CA THR A 111 -0.50 -0.13 -20.90
C THR A 111 0.23 -0.66 -19.69
N TYR A 112 -0.22 -0.23 -18.54
CA TYR A 112 0.33 -0.75 -17.30
C TYR A 112 -0.87 -1.29 -16.57
N THR A 113 -0.71 -2.46 -15.99
CA THR A 113 -1.82 -3.14 -15.34
C THR A 113 -1.37 -3.55 -13.97
N CYS A 114 -2.21 -3.34 -12.98
CA CYS A 114 -1.83 -3.72 -11.65
C CYS A 114 -2.65 -4.93 -11.28
N VAL A 115 -1.99 -5.95 -10.75
CA VAL A 115 -2.67 -7.16 -10.45
C VAL A 115 -2.74 -7.46 -8.96
N GLY A 116 -3.98 -7.65 -8.47
CA GLY A 116 -4.25 -7.98 -7.06
C GLY A 116 -4.58 -9.44 -6.83
N ARG A 117 -3.95 -10.02 -5.84
CA ARG A 117 -4.16 -11.43 -5.51
C ARG A 117 -4.35 -11.56 -4.00
N THR A 118 -5.24 -12.44 -3.60
CA THR A 118 -5.32 -12.86 -2.20
C THR A 118 -6.23 -14.06 -2.22
N GLY A 119 -5.89 -15.06 -1.40
CA GLY A 119 -6.61 -16.33 -1.37
C GLY A 119 -6.79 -16.87 -2.76
N SER A 120 -8.03 -17.11 -3.13
CA SER A 120 -8.37 -17.65 -4.44
C SER A 120 -8.76 -16.59 -5.45
N LYS A 121 -8.69 -15.32 -5.07
CA LYS A 121 -9.19 -14.26 -5.93
C LYS A 121 -8.09 -13.49 -6.64
N THR A 122 -8.40 -13.07 -7.87
CA THR A 122 -7.52 -12.20 -8.64
C THR A 122 -8.31 -11.07 -9.32
N ILE A 123 -7.85 -9.83 -9.16
CA ILE A 123 -8.46 -8.69 -9.88
C ILE A 123 -7.38 -7.83 -10.53
N TYR A 124 -7.80 -6.92 -11.43
CA TYR A 124 -6.86 -6.03 -12.14
C TYR A 124 -7.49 -4.81 -12.81
N ALA A 125 -6.68 -3.76 -12.93
CA ALA A 125 -7.08 -2.51 -13.59
C ALA A 125 -5.96 -2.08 -14.56
N SER A 126 -6.32 -1.71 -15.79
CA SER A 126 -5.29 -1.38 -16.77
C SER A 126 -5.36 0.08 -17.10
N THR A 127 -4.21 0.66 -17.40
CA THR A 127 -4.17 2.02 -17.86
C THR A 127 -3.35 2.11 -19.12
N VAL A 128 -3.90 2.77 -20.13
CA VAL A 128 -3.13 3.10 -21.31
C VAL A 128 -2.50 4.48 -21.11
N VAL A 129 -1.21 4.57 -21.26
CA VAL A 129 -0.57 5.87 -21.23
C VAL A 129 -0.18 6.27 -22.65
N HIS A 130 -0.42 7.53 -22.97
CA HIS A 130 -0.22 8.03 -24.31
C HIS A 130 0.95 8.97 -24.32
N PRO A 131 1.86 8.80 -25.28
CA PRO A 131 3.07 9.63 -25.35
C PRO A 131 2.74 11.07 -25.73
N PRO A 132 3.68 11.98 -25.47
CA PRO A 132 3.47 13.34 -25.94
C PRO A 132 3.39 13.41 -27.47
N ARG A 133 2.73 14.44 -27.97
CA ARG A 133 2.63 14.65 -29.41
C ARG A 133 4.00 15.00 -29.90
N SER A 134 4.70 15.81 -29.13
CA SER A 134 6.05 16.20 -29.46
C SER A 134 6.84 16.20 -28.18
N SER A 135 8.15 16.02 -28.29
CA SER A 135 8.99 15.93 -27.10
C SER A 135 10.38 16.54 -27.30
N ARG A 136 10.88 17.17 -26.25
CA ARG A 136 12.18 17.77 -26.28
C ARG A 136 13.22 16.75 -25.83
N LEU A 137 12.79 15.73 -25.10
CA LEU A 137 13.69 14.75 -24.55
C LEU A 137 13.75 13.54 -25.46
N THR A 138 14.69 12.67 -25.18
CA THR A 138 14.80 11.46 -25.95
C THR A 138 13.71 10.49 -25.53
N PRO A 139 13.12 9.78 -26.50
CA PRO A 139 12.17 8.81 -26.08
C PRO A 139 12.84 7.68 -25.32
N GLU A 140 12.12 7.15 -24.34
CA GLU A 140 12.44 5.89 -23.74
C GLU A 140 13.75 5.88 -22.99
N LYS A 141 14.13 7.03 -22.45
CA LYS A 141 15.34 7.09 -21.67
C LYS A 141 15.00 7.80 -20.38
N THR A 142 15.57 7.30 -19.29
CA THR A 142 15.16 7.64 -17.96
C THR A 142 15.70 8.99 -17.54
N TYR A 143 14.79 9.89 -17.13
CA TYR A 143 15.20 11.22 -16.71
C TYR A 143 16.40 11.12 -15.79
N PRO A 144 17.45 11.89 -16.06
CA PRO A 144 18.68 11.66 -15.34
C PRO A 144 18.73 12.52 -14.07
N GLY A 145 19.74 12.29 -13.25
CA GLY A 145 19.88 13.02 -12.01
C GLY A 145 19.38 12.23 -10.82
N ALA A 146 19.47 12.84 -9.66
CA ALA A 146 18.94 12.24 -8.47
C ALA A 146 17.42 12.25 -8.62
N GLN A 147 16.74 11.58 -7.69
CA GLN A 147 15.29 11.61 -7.65
C GLN A 147 14.80 11.48 -6.24
N LYS A 148 13.81 12.30 -5.91
CA LYS A 148 13.22 12.27 -4.59
C LYS A 148 12.69 10.87 -4.35
N PRO A 149 12.86 10.33 -3.14
CA PRO A 149 12.19 9.07 -2.95
C PRO A 149 10.69 9.12 -3.16
N ARG A 150 10.16 7.98 -3.59
CA ARG A 150 8.73 7.77 -3.68
C ARG A 150 8.45 6.40 -3.13
N ILE A 151 7.54 6.36 -2.18
CA ILE A 151 7.14 5.13 -1.58
C ILE A 151 6.14 4.46 -2.49
N ILE A 152 6.52 3.33 -3.04
CA ILE A 152 5.70 2.71 -4.07
C ILE A 152 4.86 1.56 -3.59
N TYR A 153 5.07 1.09 -2.38
CA TYR A 153 4.28 -0.06 -1.91
C TYR A 153 4.10 0.12 -0.45
N THR A 154 2.87 0.11 0.02
CA THR A 154 2.62 0.47 1.40
C THR A 154 1.25 0.03 1.76
N GLU A 155 1.04 -0.26 3.04
CA GLU A 155 -0.27 -0.64 3.54
C GLU A 155 -0.93 0.57 4.20
N LYS A 156 -2.18 0.82 3.81
CA LYS A 156 -2.97 1.86 4.39
C LYS A 156 -3.65 1.42 5.69
N THR A 157 -4.32 0.27 5.66
CA THR A 157 -5.02 -0.24 6.80
C THR A 157 -4.60 -1.66 7.01
N HIS A 158 -4.24 -2.02 8.24
CA HIS A 158 -3.91 -3.41 8.55
C HIS A 158 -4.50 -3.82 9.88
N LEU A 159 -5.60 -4.59 9.82
CA LEU A 159 -6.30 -5.05 10.98
C LEU A 159 -6.02 -6.55 11.20
N ASP A 160 -5.55 -6.93 12.37
CA ASP A 160 -5.36 -8.35 12.69
C ASP A 160 -5.66 -8.65 14.15
N LEU A 161 -5.74 -9.94 14.47
CA LEU A 161 -6.06 -10.41 15.81
C LEU A 161 -5.00 -10.10 16.82
N MET A 162 -5.44 -9.92 18.06
CA MET A 162 -4.52 -9.69 19.13
C MET A 162 -3.47 -10.79 19.17
N GLY A 163 -2.26 -10.33 19.47
CA GLY A 163 -1.14 -11.21 19.70
C GLY A 163 -0.55 -11.71 18.41
N SER A 164 -1.14 -11.33 17.28
CA SER A 164 -0.65 -11.83 16.01
C SER A 164 0.55 -10.98 15.61
N ASN A 165 1.17 -11.30 14.49
CA ASN A 165 2.32 -10.51 14.02
C ASN A 165 1.99 -9.86 12.72
N ILE A 166 2.57 -8.70 12.49
CA ILE A 166 2.28 -8.02 11.27
C ILE A 166 3.55 -7.41 10.78
N GLN A 167 3.64 -7.28 9.48
CA GLN A 167 4.85 -6.86 8.82
C GLN A 167 4.42 -5.82 7.84
N LEU A 168 4.70 -4.54 8.14
CA LEU A 168 4.18 -3.43 7.34
C LEU A 168 5.24 -3.01 6.37
N PRO A 169 4.93 -3.00 5.07
CA PRO A 169 5.97 -2.65 4.16
C PRO A 169 6.11 -1.17 3.91
N CYS A 170 7.23 -0.88 3.26
CA CYS A 170 7.54 0.41 2.69
C CYS A 170 8.54 0.07 1.59
N ARG A 171 8.15 0.25 0.34
CA ARG A 171 9.09 0.10 -0.73
C ARG A 171 9.17 1.41 -1.45
N VAL A 172 10.25 1.59 -2.15
CA VAL A 172 10.65 2.88 -2.57
C VAL A 172 11.25 2.86 -3.94
N HIS A 173 11.10 3.99 -4.59
CA HIS A 173 11.79 4.30 -5.80
C HIS A 173 12.61 5.52 -5.48
N ALA A 174 13.93 5.43 -5.61
CA ALA A 174 14.77 6.52 -5.21
C ALA A 174 16.13 6.34 -5.78
N ARG A 175 16.68 7.42 -6.31
CA ARG A 175 18.08 7.49 -6.68
C ARG A 175 18.61 8.84 -6.18
N PRO A 176 19.58 8.86 -5.23
CA PRO A 176 20.14 7.61 -4.71
C PRO A 176 19.18 6.85 -3.81
N ARG A 177 19.61 5.65 -3.47
CA ARG A 177 18.81 4.71 -2.71
C ARG A 177 18.43 5.35 -1.39
N ALA A 178 17.32 4.93 -0.80
CA ALA A 178 16.71 5.71 0.26
C ALA A 178 16.69 5.02 1.58
N GLU A 179 16.93 5.81 2.65
CA GLU A 179 16.96 5.29 4.00
C GLU A 179 15.56 5.26 4.52
N ILE A 180 15.25 4.26 5.32
CA ILE A 180 13.93 4.08 5.83
C ILE A 180 14.00 4.21 7.32
N THR A 181 13.02 4.90 7.90
CA THR A 181 12.91 5.00 9.36
C THR A 181 11.46 4.90 9.63
N TRP A 182 11.10 4.40 10.80
CA TRP A 182 9.71 4.25 11.12
C TRP A 182 9.41 5.02 12.37
N LEU A 183 8.20 5.56 12.51
CA LEU A 183 7.77 6.10 13.80
C LEU A 183 6.59 5.31 14.25
N ASN A 184 6.33 5.30 15.56
CA ASN A 184 5.17 4.57 16.10
C ASN A 184 3.93 5.42 16.20
N ASN A 185 2.92 4.90 16.89
CA ASN A 185 1.66 5.63 17.05
C ASN A 185 1.83 6.94 17.77
N GLU A 186 2.73 6.99 18.73
CA GLU A 186 2.96 8.22 19.50
C GLU A 186 3.82 9.15 18.69
N ASN A 187 4.29 8.68 17.55
CA ASN A 187 5.17 9.47 16.71
C ASN A 187 6.63 9.54 17.17
N LYS A 188 7.01 8.72 18.14
CA LYS A 188 8.43 8.46 18.44
C LYS A 188 9.08 7.55 17.38
N GLU A 189 10.36 7.76 17.14
CA GLU A 189 11.12 6.90 16.22
C GLU A 189 11.18 5.49 16.82
N ILE A 190 11.09 4.47 15.97
CA ILE A 190 11.20 3.08 16.42
C ILE A 190 12.63 2.59 16.32
N VAL A 191 13.16 2.05 17.42
CA VAL A 191 14.47 1.36 17.41
C VAL A 191 14.26 -0.12 17.69
N GLN A 192 15.24 -0.92 17.31
CA GLN A 192 15.10 -2.37 17.39
C GLN A 192 14.78 -2.77 18.83
N GLY A 193 13.89 -3.73 18.98
CA GLY A 193 13.47 -4.18 20.31
C GLY A 193 12.71 -5.49 20.26
N HIS A 194 12.28 -6.00 21.42
CA HIS A 194 11.72 -7.33 21.46
C HIS A 194 10.44 -7.51 20.62
N ARG A 195 9.75 -6.42 20.37
CA ARG A 195 8.50 -6.48 19.64
C ARG A 195 8.55 -5.70 18.35
N HIS A 196 9.63 -4.94 18.13
CA HIS A 196 9.73 -4.12 16.93
C HIS A 196 11.10 -4.22 16.31
N ARG A 197 11.09 -4.46 15.00
CA ARG A 197 12.28 -4.31 14.21
C ARG A 197 11.90 -3.88 12.82
N VAL A 198 12.79 -3.17 12.19
CA VAL A 198 12.66 -2.84 10.80
C VAL A 198 13.59 -3.78 10.04
N LEU A 199 13.04 -4.46 9.04
CA LEU A 199 13.77 -5.46 8.29
C LEU A 199 14.66 -4.80 7.25
N ALA A 200 15.57 -5.61 6.72
CA ALA A 200 16.44 -5.17 5.65
C ALA A 200 15.69 -4.55 4.51
N ASN A 201 14.50 -5.04 4.14
CA ASN A 201 13.80 -4.41 2.99
C ASN A 201 12.93 -3.20 3.37
N GLY A 202 13.04 -2.76 4.62
CA GLY A 202 12.30 -1.59 5.11
C GLY A 202 10.95 -1.89 5.73
N ASP A 203 10.49 -3.13 5.67
CA ASP A 203 9.23 -3.50 6.30
C ASP A 203 9.42 -3.36 7.75
N LEU A 204 8.37 -2.97 8.47
CA LEU A 204 8.46 -2.91 9.91
C LEU A 204 7.75 -4.09 10.48
N LEU A 205 8.46 -4.84 11.31
CA LEU A 205 7.87 -6.04 11.90
C LEU A 205 7.46 -5.74 13.33
N ILE A 206 6.18 -5.92 13.63
CA ILE A 206 5.65 -5.69 14.99
C ILE A 206 5.14 -7.01 15.49
N SER A 207 5.57 -7.43 16.66
CA SER A 207 5.22 -8.76 17.17
C SER A 207 4.22 -8.71 18.32
N GLU A 208 3.26 -9.62 18.31
CA GLU A 208 2.35 -9.76 19.42
C GLU A 208 1.68 -8.42 19.71
N ILE A 209 0.91 -7.98 18.74
CA ILE A 209 0.27 -6.67 18.80
C ILE A 209 -0.75 -6.61 19.95
N LYS A 210 -0.74 -5.49 20.64
CA LYS A 210 -1.58 -5.27 21.80
C LYS A 210 -2.36 -4.01 21.52
N TRP A 211 -3.40 -3.75 22.28
CA TRP A 211 -4.25 -2.62 21.97
C TRP A 211 -3.46 -1.32 22.05
N GLU A 212 -2.44 -1.28 22.91
CA GLU A 212 -1.57 -0.12 23.01
C GLU A 212 -0.90 0.15 21.67
N ASP A 213 -0.98 -0.83 20.77
CA ASP A 213 -0.29 -0.79 19.49
C ASP A 213 -1.09 -0.13 18.43
N MET A 214 -2.42 -0.15 18.58
CA MET A 214 -3.28 0.41 17.56
C MET A 214 -2.87 1.83 17.32
N GLY A 215 -2.87 2.24 16.05
CA GLY A 215 -2.49 3.57 15.70
C GLY A 215 -1.94 3.66 14.32
N ASN A 216 -1.12 4.67 14.11
CA ASN A 216 -0.53 4.94 12.84
C ASN A 216 0.98 4.79 12.92
N TYR A 217 1.55 4.18 11.90
CA TYR A 217 2.98 4.05 11.86
C TYR A 217 3.38 4.70 10.59
N LYS A 218 4.48 5.42 10.65
CA LYS A 218 4.89 6.21 9.53
C LYS A 218 6.23 5.79 9.05
N CYS A 219 6.31 5.52 7.76
CA CYS A 219 7.56 5.23 7.12
C CYS A 219 8.09 6.54 6.58
N ILE A 220 9.30 6.89 6.98
CA ILE A 220 9.98 8.03 6.42
C ILE A 220 11.07 7.53 5.50
N ALA A 221 10.94 7.84 4.22
CA ALA A 221 11.94 7.45 3.25
C ALA A 221 12.70 8.69 2.86
N ARG A 222 14.02 8.67 2.97
CA ARG A 222 14.79 9.86 2.78
C ARG A 222 16.05 9.63 1.91
N ASN A 223 16.44 10.63 1.12
CA ASN A 223 17.79 10.62 0.56
C ASN A 223 18.40 12.04 0.52
N VAL A 224 19.51 12.18 -0.18
CA VAL A 224 20.24 13.43 -0.23
C VAL A 224 19.31 14.51 -0.74
N VAL A 225 18.41 14.11 -1.63
CA VAL A 225 17.65 15.06 -2.39
C VAL A 225 16.22 15.21 -1.93
N GLY A 226 15.78 14.45 -0.93
CA GLY A 226 14.43 14.68 -0.42
C GLY A 226 13.86 13.55 0.40
N LYS A 227 12.54 13.52 0.50
CA LYS A 227 11.90 12.59 1.39
C LYS A 227 10.51 12.26 0.89
N ASP A 228 9.95 11.18 1.41
CA ASP A 228 8.52 10.91 1.27
C ASP A 228 8.08 10.17 2.49
N THR A 229 6.77 10.15 2.74
CA THR A 229 6.26 9.45 3.91
C THR A 229 4.94 8.80 3.67
N ALA A 230 4.63 7.85 4.51
CA ALA A 230 3.42 7.07 4.33
C ALA A 230 2.95 6.67 5.71
N ASP A 231 1.69 6.35 5.80
CA ASP A 231 1.09 6.17 7.09
C ASP A 231 0.31 4.94 7.03
N THR A 232 0.43 4.11 8.05
CA THR A 232 -0.31 2.87 8.10
C THR A 232 -1.07 2.80 9.39
N PHE A 233 -2.34 2.43 9.32
CA PHE A 233 -3.16 2.34 10.49
C PHE A 233 -3.29 0.91 10.94
N VAL A 234 -2.94 0.66 12.19
CA VAL A 234 -2.97 -0.71 12.72
C VAL A 234 -4.09 -0.84 13.73
N TYR A 235 -5.06 -1.71 13.48
CA TYR A 235 -6.11 -1.89 14.46
C TYR A 235 -6.08 -3.32 15.00
N PRO A 236 -5.60 -3.52 16.22
CA PRO A 236 -5.65 -4.90 16.71
C PRO A 236 -7.05 -5.30 17.16
N VAL A 237 -7.59 -6.28 16.48
CA VAL A 237 -8.96 -6.69 16.70
C VAL A 237 -9.00 -7.71 17.84
N LEU A 238 -10.20 -8.03 18.33
CA LEU A 238 -10.36 -8.72 19.61
C LEU A 238 -10.55 -10.23 19.52
N ASN A 239 -9.80 -10.94 20.37
CA ASN A 239 -9.79 -12.43 20.46
C ASN A 239 -9.28 -13.12 19.18
N GLY B 1 -3.02 5.54 19.37
CA GLY B 1 -2.79 6.99 19.63
C GLY B 1 -4.10 7.76 19.78
N PRO B 2 -4.23 8.94 19.10
CA PRO B 2 -5.47 9.69 19.32
C PRO B 2 -6.74 8.96 18.90
N GLU B 3 -7.76 9.10 19.73
CA GLU B 3 -9.06 8.59 19.46
C GLU B 3 -9.58 9.19 18.15
N THR B 4 -9.31 10.48 17.94
CA THR B 4 -9.84 11.15 16.76
C THR B 4 -9.26 10.53 15.53
N LEU B 5 -7.95 10.35 15.54
CA LEU B 5 -7.26 9.82 14.37
C LEU B 5 -7.66 8.38 14.09
N CYS B 6 -7.85 7.61 15.14
CA CYS B 6 -8.33 6.26 14.98
C CYS B 6 -9.68 6.26 14.31
N GLY B 7 -10.56 7.16 14.76
CA GLY B 7 -11.94 7.22 14.22
C GLY B 7 -11.94 7.66 12.77
N ALA B 8 -11.13 8.66 12.48
CA ALA B 8 -11.05 9.13 11.12
C ALA B 8 -10.58 7.98 10.29
N GLU B 9 -9.49 7.38 10.73
CA GLU B 9 -8.88 6.35 9.90
C GLU B 9 -9.73 5.07 9.88
N LEU B 10 -10.49 4.86 10.94
CA LEU B 10 -11.39 3.75 10.93
C LEU B 10 -12.48 3.90 9.87
N VAL B 11 -13.17 5.03 9.86
CA VAL B 11 -14.25 5.23 8.89
C VAL B 11 -13.71 5.13 7.47
N ASP B 12 -12.52 5.68 7.26
CA ASP B 12 -11.94 5.64 5.94
C ASP B 12 -11.82 4.21 5.41
N ALA B 13 -11.46 3.25 6.26
CA ALA B 13 -11.49 1.84 5.88
C ALA B 13 -12.90 1.29 5.69
N LEU B 14 -13.77 1.59 6.66
CA LEU B 14 -15.13 1.12 6.67
C LEU B 14 -15.94 1.57 5.49
N GLN B 15 -15.59 2.72 4.94
CA GLN B 15 -16.34 3.29 3.82
C GLN B 15 -16.47 2.28 2.67
N PHE B 16 -15.46 1.48 2.47
CA PHE B 16 -15.45 0.55 1.38
C PHE B 16 -16.16 -0.73 1.71
N VAL B 17 -15.92 -1.27 2.89
CA VAL B 17 -16.41 -2.58 3.19
C VAL B 17 -17.92 -2.71 3.21
N CYS B 18 -18.58 -1.77 3.83
CA CYS B 18 -20.00 -1.94 4.08
C CYS B 18 -20.81 -1.99 2.81
N GLY B 19 -20.46 -1.16 1.84
CA GLY B 19 -21.30 -1.05 0.66
C GLY B 19 -21.43 -2.36 -0.08
N ASP B 20 -20.32 -3.06 -0.29
CA ASP B 20 -20.34 -4.32 -1.01
C ASP B 20 -19.43 -5.35 -0.37
N ARG B 21 -18.13 -5.12 -0.52
CA ARG B 21 -17.12 -6.09 -0.15
C ARG B 21 -17.02 -7.20 -1.20
N ILE B 43 -20.21 4.14 17.76
CA ILE B 43 -19.84 2.83 17.20
C ILE B 43 -18.41 2.89 16.74
N VAL B 44 -18.06 3.93 16.01
CA VAL B 44 -16.68 4.12 15.67
C VAL B 44 -16.00 4.48 17.00
N ASP B 45 -16.68 5.27 17.82
CA ASP B 45 -16.09 5.75 19.05
C ASP B 45 -15.79 4.63 20.00
N GLU B 46 -16.70 3.66 20.05
CA GLU B 46 -16.54 2.49 20.89
C GLU B 46 -15.20 1.84 20.57
N CYS B 47 -15.02 1.58 19.30
CA CYS B 47 -14.01 0.70 18.82
C CYS B 47 -12.69 1.39 18.64
N CYS B 48 -12.70 2.69 18.80
CA CYS B 48 -11.48 3.45 18.81
C CYS B 48 -10.98 3.66 20.20
N PHE B 49 -11.85 3.40 21.18
CA PHE B 49 -11.43 3.57 22.56
C PHE B 49 -11.06 2.23 23.16
N ARG B 50 -11.72 1.18 22.67
CA ARG B 50 -11.48 -0.16 23.15
C ARG B 50 -11.44 -1.06 21.91
N SER B 51 -10.74 -2.19 21.98
CA SER B 51 -10.67 -3.10 20.84
C SER B 51 -11.99 -3.77 20.60
N CYS B 52 -12.48 -3.77 19.39
CA CYS B 52 -13.71 -4.44 19.07
C CYS B 52 -13.36 -5.67 18.30
N ASP B 53 -14.35 -6.35 17.75
CA ASP B 53 -14.09 -7.49 16.90
C ASP B 53 -14.96 -7.39 15.66
N LEU B 54 -14.71 -8.23 14.66
CA LEU B 54 -15.26 -7.99 13.32
C LEU B 54 -16.76 -7.85 13.36
N ARG B 55 -17.41 -8.63 14.24
CA ARG B 55 -18.86 -8.57 14.40
C ARG B 55 -19.34 -7.16 14.72
N ARG B 56 -18.82 -6.57 15.79
CA ARG B 56 -19.19 -5.21 16.19
C ARG B 56 -18.81 -4.21 15.13
N LEU B 57 -17.58 -4.30 14.65
CA LEU B 57 -17.10 -3.35 13.63
C LEU B 57 -18.06 -3.37 12.48
N GLU B 58 -18.50 -4.58 12.17
CA GLU B 58 -19.38 -4.82 11.06
C GLU B 58 -20.69 -4.05 11.21
N MET B 59 -21.17 -3.93 12.44
CA MET B 59 -22.45 -3.27 12.66
C MET B 59 -22.21 -1.79 12.50
N TYR B 60 -21.60 -1.47 11.38
CA TYR B 60 -21.43 -0.11 10.93
C TYR B 60 -22.32 0.07 9.69
N CYS B 61 -23.21 -0.90 9.44
CA CYS B 61 -24.10 -0.87 8.29
C CYS B 61 -25.25 -1.88 8.47
#